data_7P1A
#
_entry.id   7P1A
#
_cell.length_a   66.870
_cell.length_b   89.400
_cell.length_c   44.240
_cell.angle_alpha   90.000
_cell.angle_beta   90.000
_cell.angle_gamma   90.000
#
_symmetry.space_group_name_H-M   'P 21 21 2'
#
loop_
_entity.id
_entity.type
_entity.pdbx_description
1 polymer 'Carbonic anhydrase 7'
2 non-polymer 'ZINC ION'
3 non-polymer GLYCEROL
4 non-polymer 4-[2-[4-[(4-methylphenyl)methyl]-1,1-bis(oxidanylidene)-1,2,4-thiadiazinan-2-yl]ethyl]benzenesulfonamide
5 water water
#
_entity_poly.entity_id   1
_entity_poly.type   'polypeptide(L)'
_entity_poly.pdbx_seq_one_letter_code
;MGMTGHHGWGYGQDDGPSHWHKLYPIAQGDRQSPINIISSQAVYSPSLQPLELSYEACMSLSITNNGHSVQVDFNDSDDR
TVVTGGPLEGPYRLKQFHFHWGKKHDVGSEHTVDGKSFPSELHLVHWNAKKYSTFGEAASAPDGLAVVGVFLETGDEHPS
MNRLTDALYMVRFKGTKAQFSCFNPKSLLPASRHYWTYPGSLTTPPLSESVTWIVLREPISISERQMGKFRSLLFTSEDD
ERIHMVNNFRPPQPLKGRVVKASFRALEHHHHHH
;
_entity_poly.pdbx_strand_id   A
#
# COMPACT_ATOMS: atom_id res chain seq x y z
N TRP A 9 -14.82 6.91 10.28
CA TRP A 9 -14.67 6.76 8.80
C TRP A 9 -14.51 5.29 8.45
N GLY A 10 -14.79 4.96 7.20
CA GLY A 10 -14.66 3.59 6.72
C GLY A 10 -14.78 3.54 5.22
N TYR A 11 -15.35 2.45 4.70
CA TYR A 11 -15.51 2.27 3.26
C TYR A 11 -16.95 1.91 2.91
N GLY A 12 -17.86 2.16 3.84
CA GLY A 12 -19.25 1.85 3.59
C GLY A 12 -19.98 2.96 2.85
N GLN A 13 -21.28 2.77 2.64
CA GLN A 13 -22.10 3.75 1.93
C GLN A 13 -22.21 5.10 2.63
N ASP A 14 -22.16 5.10 3.96
CA ASP A 14 -22.31 6.35 4.70
C ASP A 14 -21.03 6.95 5.28
N ASP A 15 -19.96 6.17 5.37
CA ASP A 15 -18.72 6.72 5.93
C ASP A 15 -17.52 6.57 5.00
N GLY A 16 -17.81 6.26 3.74
CA GLY A 16 -16.77 6.05 2.74
C GLY A 16 -16.00 7.26 2.25
N PRO A 17 -15.03 7.05 1.36
CA PRO A 17 -14.16 8.07 0.76
C PRO A 17 -14.78 9.38 0.30
N SER A 18 -15.98 9.32 -0.28
N SER A 18 -15.98 9.32 -0.28
CA SER A 18 -16.63 10.54 -0.76
CA SER A 18 -16.64 10.53 -0.77
C SER A 18 -17.05 11.46 0.37
C SER A 18 -17.07 11.45 0.37
N HIS A 19 -17.01 10.96 1.60
CA HIS A 19 -17.42 11.74 2.76
C HIS A 19 -16.31 12.08 3.73
N TRP A 20 -15.13 11.52 3.52
CA TRP A 20 -14.02 11.76 4.43
C TRP A 20 -13.68 13.23 4.65
N HIS A 21 -13.88 14.05 3.62
CA HIS A 21 -13.56 15.47 3.73
C HIS A 21 -14.33 16.17 4.83
N LYS A 22 -15.46 15.61 5.23
CA LYS A 22 -16.27 16.23 6.27
C LYS A 22 -15.56 16.17 7.62
N LEU A 23 -14.62 15.25 7.75
CA LEU A 23 -13.86 15.09 8.97
C LEU A 23 -12.42 15.55 8.79
N TYR A 24 -11.84 15.25 7.63
CA TYR A 24 -10.46 15.65 7.32
C TYR A 24 -10.44 16.49 6.06
N PRO A 25 -10.50 17.81 6.22
CA PRO A 25 -10.49 18.73 5.07
C PRO A 25 -9.32 18.58 4.11
N ILE A 26 -8.20 18.06 4.58
CA ILE A 26 -7.05 17.90 3.70
C ILE A 26 -7.39 16.90 2.59
N ALA A 27 -8.51 16.20 2.73
CA ALA A 27 -8.95 15.24 1.70
C ALA A 27 -9.09 15.93 0.35
N GLN A 28 -9.29 17.24 0.38
CA GLN A 28 -9.43 18.00 -0.87
C GLN A 28 -8.17 18.82 -1.13
N GLY A 29 -7.05 18.37 -0.57
CA GLY A 29 -5.79 19.07 -0.74
C GLY A 29 -5.14 18.96 -2.11
N ASP A 30 -3.94 19.52 -2.22
CA ASP A 30 -3.20 19.54 -3.48
C ASP A 30 -2.28 18.36 -3.78
N ARG A 31 -1.99 17.51 -2.81
N ARG A 31 -2.03 17.52 -2.77
CA ARG A 31 -1.16 16.35 -3.11
CA ARG A 31 -1.15 16.37 -2.93
C ARG A 31 -1.76 15.08 -2.50
C ARG A 31 -1.80 15.10 -2.39
N GLN A 32 -3.01 14.82 -2.85
CA GLN A 32 -3.73 13.64 -2.38
C GLN A 32 -3.50 12.41 -3.25
N SER A 33 -3.61 11.24 -2.62
CA SER A 33 -3.42 9.96 -3.29
C SER A 33 -4.64 9.08 -3.03
N PRO A 34 -4.85 8.06 -3.87
CA PRO A 34 -4.06 7.66 -5.04
C PRO A 34 -4.41 8.51 -6.26
N ILE A 35 -3.82 8.18 -7.39
CA ILE A 35 -4.09 8.90 -8.63
C ILE A 35 -4.18 7.92 -9.77
N ASN A 36 -4.64 8.42 -10.91
CA ASN A 36 -4.71 7.62 -12.13
C ASN A 36 -3.45 8.02 -12.87
N ILE A 37 -2.57 7.05 -13.09
CA ILE A 37 -1.32 7.31 -13.78
C ILE A 37 -1.53 7.16 -15.27
N ILE A 38 -1.37 8.27 -15.99
CA ILE A 38 -1.51 8.25 -17.44
C ILE A 38 -0.07 8.06 -17.90
N SER A 39 0.24 6.83 -18.31
CA SER A 39 1.59 6.47 -18.72
C SER A 39 2.25 7.40 -19.73
N SER A 40 1.50 7.79 -20.76
CA SER A 40 2.05 8.65 -21.79
C SER A 40 2.35 10.05 -21.27
N GLN A 41 1.83 10.38 -20.09
CA GLN A 41 2.07 11.69 -19.52
C GLN A 41 3.13 11.74 -18.44
N ALA A 42 3.64 10.58 -18.04
CA ALA A 42 4.69 10.54 -17.03
C ALA A 42 5.98 11.00 -17.69
N VAL A 43 6.86 11.64 -16.93
CA VAL A 43 8.12 12.14 -17.45
C VAL A 43 9.28 11.21 -17.14
N TYR A 44 9.95 10.73 -18.18
CA TYR A 44 11.11 9.86 -17.99
C TYR A 44 12.18 10.66 -17.26
N SER A 45 12.62 10.17 -16.11
CA SER A 45 13.63 10.87 -15.33
C SER A 45 14.86 10.00 -15.12
N PRO A 46 15.81 10.02 -16.09
CA PRO A 46 17.04 9.25 -16.01
C PRO A 46 18.03 9.70 -14.94
N SER A 47 17.68 10.74 -14.20
CA SER A 47 18.57 11.23 -13.14
C SER A 47 18.27 10.50 -11.84
N LEU A 48 17.11 9.84 -11.79
CA LEU A 48 16.70 9.09 -10.61
C LEU A 48 17.70 7.95 -10.39
N GLN A 49 17.95 7.64 -9.12
CA GLN A 49 18.88 6.57 -8.76
C GLN A 49 18.16 5.22 -8.82
N PRO A 50 18.93 4.12 -8.89
CA PRO A 50 18.30 2.80 -8.94
C PRO A 50 17.53 2.54 -7.66
N LEU A 51 16.33 1.99 -7.79
CA LEU A 51 15.52 1.68 -6.63
C LEU A 51 15.98 0.37 -6.03
N GLU A 52 16.26 0.38 -4.72
CA GLU A 52 16.71 -0.83 -4.06
C GLU A 52 15.84 -1.15 -2.85
N LEU A 53 15.29 -2.35 -2.84
CA LEU A 53 14.46 -2.82 -1.75
C LEU A 53 15.30 -3.87 -1.05
N SER A 54 16.00 -3.45 0.00
CA SER A 54 16.88 -4.32 0.77
C SER A 54 16.15 -4.84 2.00
N TYR A 55 15.52 -5.99 1.84
CA TYR A 55 14.74 -6.61 2.90
C TYR A 55 15.33 -7.90 3.47
N GLU A 56 15.30 -8.03 4.80
CA GLU A 56 15.80 -9.22 5.47
C GLU A 56 14.66 -10.23 5.57
N ALA A 57 15.00 -11.48 5.85
CA ALA A 57 14.01 -12.54 5.92
C ALA A 57 13.21 -12.68 7.21
N CYS A 58 13.78 -12.29 8.35
CA CYS A 58 13.04 -12.44 9.60
C CYS A 58 12.93 -11.18 10.43
N MET A 59 12.22 -10.20 9.89
CA MET A 59 11.99 -8.94 10.58
C MET A 59 10.49 -8.75 10.83
N SER A 60 9.68 -9.68 10.32
CA SER A 60 8.23 -9.59 10.52
C SER A 60 7.85 -9.98 11.94
N LEU A 61 6.82 -9.34 12.47
CA LEU A 61 6.37 -9.61 13.83
C LEU A 61 5.01 -10.26 13.94
N SER A 62 4.02 -9.68 13.27
CA SER A 62 2.67 -10.16 13.38
C SER A 62 1.80 -9.79 12.21
N ILE A 63 0.60 -10.34 12.19
CA ILE A 63 -0.37 -10.04 11.15
C ILE A 63 -1.64 -9.66 11.91
N THR A 64 -2.24 -8.55 11.50
CA THR A 64 -3.42 -8.06 12.22
C THR A 64 -4.55 -7.58 11.33
N ASN A 65 -5.78 -7.79 11.77
CA ASN A 65 -6.95 -7.28 11.07
C ASN A 65 -7.29 -6.03 11.87
N ASN A 66 -7.04 -4.86 11.31
CA ASN A 66 -7.31 -3.62 12.03
C ASN A 66 -8.67 -3.02 11.72
N GLY A 67 -9.53 -3.78 11.02
CA GLY A 67 -10.85 -3.28 10.69
C GLY A 67 -10.93 -2.56 9.35
N HIS A 68 -9.78 -2.22 8.78
CA HIS A 68 -9.75 -1.53 7.50
C HIS A 68 -8.94 -2.30 6.46
N SER A 69 -8.04 -3.17 6.92
CA SER A 69 -7.21 -3.97 6.04
C SER A 69 -6.55 -5.04 6.91
N VAL A 70 -5.70 -5.87 6.28
CA VAL A 70 -4.94 -6.86 7.04
C VAL A 70 -3.50 -6.33 6.88
N GLN A 71 -2.79 -6.23 8.00
CA GLN A 71 -1.46 -5.64 8.01
C GLN A 71 -0.40 -6.49 8.69
N VAL A 72 0.79 -6.54 8.10
CA VAL A 72 1.91 -7.27 8.68
C VAL A 72 2.89 -6.22 9.19
N ASP A 73 3.19 -6.28 10.49
CA ASP A 73 4.09 -5.30 11.10
C ASP A 73 5.51 -5.82 11.22
N PHE A 74 6.47 -4.89 11.16
CA PHE A 74 7.88 -5.23 11.22
C PHE A 74 8.66 -4.57 12.34
N ASN A 75 9.78 -5.19 12.66
CA ASN A 75 10.70 -4.64 13.65
C ASN A 75 11.42 -3.56 12.85
N ASP A 76 11.35 -2.31 13.31
CA ASP A 76 12.01 -1.21 12.61
C ASP A 76 12.96 -0.45 13.53
N SER A 77 13.63 -1.18 14.42
N SER A 77 13.63 -1.18 14.42
CA SER A 77 14.56 -0.57 15.36
CA SER A 77 14.56 -0.57 15.36
C SER A 77 15.88 -0.19 14.71
C SER A 77 15.89 -0.18 14.70
N ASP A 78 16.13 -0.72 13.52
CA ASP A 78 17.37 -0.42 12.79
C ASP A 78 17.12 -0.41 11.29
N ASP A 79 18.16 -0.17 10.51
CA ASP A 79 18.03 -0.12 9.05
C ASP A 79 18.37 -1.42 8.32
N ARG A 80 17.80 -2.53 8.77
CA ARG A 80 18.05 -3.81 8.12
C ARG A 80 17.06 -4.10 7.00
N THR A 81 15.89 -3.49 7.08
CA THR A 81 14.85 -3.67 6.07
C THR A 81 14.43 -2.28 5.60
N VAL A 82 15.02 -1.85 4.49
CA VAL A 82 14.79 -0.50 3.97
C VAL A 82 14.63 -0.39 2.46
N VAL A 83 14.10 0.75 2.03
CA VAL A 83 14.00 1.06 0.62
C VAL A 83 14.94 2.27 0.47
N THR A 84 15.70 2.29 -0.62
CA THR A 84 16.62 3.39 -0.86
C THR A 84 16.70 3.65 -2.35
N GLY A 85 17.31 4.76 -2.72
CA GLY A 85 17.45 5.07 -4.15
C GLY A 85 16.19 5.64 -4.77
N GLY A 86 16.13 5.60 -6.09
CA GLY A 86 14.98 6.13 -6.78
C GLY A 86 14.86 7.61 -6.45
N PRO A 87 13.69 8.08 -6.00
CA PRO A 87 13.49 9.49 -5.66
C PRO A 87 13.90 9.82 -4.21
N LEU A 88 14.26 8.80 -3.44
CA LEU A 88 14.62 9.00 -2.04
C LEU A 88 16.06 9.45 -1.81
N GLU A 89 16.24 10.35 -0.84
CA GLU A 89 17.58 10.88 -0.53
C GLU A 89 18.39 9.95 0.37
N GLY A 90 17.70 9.19 1.21
CA GLY A 90 18.38 8.26 2.10
C GLY A 90 17.49 7.06 2.31
N PRO A 91 17.85 6.13 3.21
CA PRO A 91 17.04 4.94 3.48
C PRO A 91 15.81 5.22 4.33
N TYR A 92 14.73 4.51 4.03
CA TYR A 92 13.47 4.62 4.77
C TYR A 92 13.19 3.20 5.28
N ARG A 93 12.98 3.04 6.58
CA ARG A 93 12.73 1.73 7.18
C ARG A 93 11.29 1.22 7.00
N LEU A 94 11.16 -0.07 6.70
CA LEU A 94 9.85 -0.69 6.53
C LEU A 94 9.16 -0.84 7.88
N LYS A 95 7.95 -0.31 8.00
CA LYS A 95 7.18 -0.39 9.23
C LYS A 95 6.13 -1.49 9.14
N GLN A 96 5.46 -1.56 7.99
CA GLN A 96 4.40 -2.54 7.79
C GLN A 96 3.98 -2.60 6.34
N PHE A 97 3.27 -3.65 5.98
CA PHE A 97 2.67 -3.72 4.65
C PHE A 97 1.22 -4.16 4.83
N HIS A 98 0.36 -3.75 3.90
CA HIS A 98 -1.07 -4.11 3.95
C HIS A 98 -1.61 -4.11 2.53
N PHE A 99 -2.88 -4.45 2.38
CA PHE A 99 -3.50 -4.53 1.06
C PHE A 99 -4.83 -3.80 0.96
N HIS A 100 -5.24 -3.54 -0.29
CA HIS A 100 -6.53 -2.93 -0.59
C HIS A 100 -7.07 -3.84 -1.69
N TRP A 101 -8.36 -4.18 -1.65
CA TRP A 101 -8.92 -5.06 -2.66
C TRP A 101 -10.42 -4.83 -2.86
N GLY A 102 -10.99 -5.45 -3.88
CA GLY A 102 -12.40 -5.25 -4.14
C GLY A 102 -13.32 -6.42 -3.89
N LYS A 103 -14.61 -6.20 -4.12
CA LYS A 103 -15.62 -7.24 -3.95
C LYS A 103 -15.60 -8.08 -5.23
N LYS A 104 -15.35 -7.41 -6.35
CA LYS A 104 -15.28 -8.05 -7.65
C LYS A 104 -13.84 -7.98 -8.16
N HIS A 105 -13.56 -8.67 -9.25
CA HIS A 105 -12.20 -8.71 -9.80
C HIS A 105 -11.80 -7.52 -10.68
N ASP A 106 -12.77 -6.68 -11.06
CA ASP A 106 -12.46 -5.54 -11.91
C ASP A 106 -12.08 -4.29 -11.13
N VAL A 107 -12.08 -4.37 -9.80
CA VAL A 107 -11.75 -3.23 -8.97
C VAL A 107 -11.03 -3.69 -7.70
N GLY A 108 -10.39 -2.76 -7.00
CA GLY A 108 -9.71 -3.13 -5.77
C GLY A 108 -8.47 -2.31 -5.51
N SER A 109 -7.70 -2.03 -6.56
CA SER A 109 -6.49 -1.24 -6.40
C SER A 109 -6.84 0.22 -6.15
N GLU A 110 -5.92 0.95 -5.54
CA GLU A 110 -6.13 2.36 -5.27
C GLU A 110 -5.64 3.13 -6.48
N HIS A 111 -4.38 2.92 -6.85
CA HIS A 111 -3.88 3.58 -8.05
C HIS A 111 -4.44 2.86 -9.26
N THR A 112 -4.55 3.58 -10.37
CA THR A 112 -4.99 2.99 -11.62
C THR A 112 -3.97 3.43 -12.66
N VAL A 113 -3.85 2.68 -13.75
CA VAL A 113 -2.92 3.04 -14.82
C VAL A 113 -3.74 3.13 -16.10
N ASP A 114 -3.76 4.32 -16.69
CA ASP A 114 -4.52 4.56 -17.91
C ASP A 114 -5.97 4.10 -17.72
N GLY A 115 -6.53 4.43 -16.56
CA GLY A 115 -7.89 4.09 -16.25
C GLY A 115 -8.15 2.65 -15.85
N LYS A 116 -7.11 1.84 -15.82
CA LYS A 116 -7.26 0.42 -15.47
C LYS A 116 -6.97 0.14 -14.01
N SER A 117 -7.86 -0.63 -13.39
CA SER A 117 -7.72 -1.04 -12.00
C SER A 117 -7.32 -2.51 -11.93
N PHE A 118 -6.70 -2.89 -10.82
CA PHE A 118 -6.31 -4.27 -10.60
C PHE A 118 -7.15 -4.76 -9.43
N PRO A 119 -7.29 -6.09 -9.26
CA PRO A 119 -8.11 -6.58 -8.13
C PRO A 119 -7.56 -6.25 -6.75
N SER A 120 -6.27 -5.97 -6.65
CA SER A 120 -5.69 -5.63 -5.36
C SER A 120 -4.41 -4.82 -5.52
N GLU A 121 -4.00 -4.19 -4.44
CA GLU A 121 -2.76 -3.40 -4.41
C GLU A 121 -2.11 -3.59 -3.05
N LEU A 122 -0.81 -3.89 -3.07
CA LEU A 122 -0.01 -4.07 -1.86
C LEU A 122 0.73 -2.78 -1.59
N HIS A 123 0.74 -2.35 -0.33
CA HIS A 123 1.47 -1.14 0.08
C HIS A 123 2.52 -1.47 1.12
N LEU A 124 3.80 -1.23 0.78
CA LEU A 124 4.92 -1.45 1.68
C LEU A 124 5.21 -0.04 2.20
N VAL A 125 4.93 0.15 3.49
CA VAL A 125 5.02 1.46 4.13
C VAL A 125 6.32 1.68 4.89
N HIS A 126 7.10 2.66 4.46
CA HIS A 126 8.38 2.98 5.07
C HIS A 126 8.44 4.40 5.64
N TRP A 127 9.31 4.62 6.62
CA TRP A 127 9.46 5.94 7.20
C TRP A 127 10.90 6.38 7.37
N ASN A 128 11.09 7.69 7.37
CA ASN A 128 12.42 8.32 7.50
C ASN A 128 12.84 8.35 8.97
N ALA A 129 13.31 7.21 9.47
CA ALA A 129 13.72 7.09 10.86
C ALA A 129 15.06 7.75 11.15
N LYS A 130 15.82 8.03 10.09
CA LYS A 130 17.11 8.66 10.26
C LYS A 130 16.89 10.12 10.67
N LYS A 131 15.76 10.67 10.27
CA LYS A 131 15.43 12.06 10.54
C LYS A 131 14.36 12.31 11.61
N TYR A 132 13.39 11.41 11.69
CA TYR A 132 12.30 11.58 12.66
C TYR A 132 12.32 10.53 13.77
N SER A 133 11.78 10.92 14.92
CA SER A 133 11.75 10.07 16.11
C SER A 133 10.73 8.94 16.12
N THR A 134 9.57 9.19 15.51
CA THR A 134 8.50 8.19 15.48
C THR A 134 7.85 8.19 14.11
N PHE A 135 7.14 7.11 13.81
CA PHE A 135 6.43 7.00 12.55
C PHE A 135 5.41 8.13 12.45
N GLY A 136 4.71 8.40 13.55
CA GLY A 136 3.72 9.46 13.56
C GLY A 136 4.30 10.82 13.26
N GLU A 137 5.51 11.08 13.76
CA GLU A 137 6.17 12.34 13.52
C GLU A 137 6.54 12.43 12.04
N ALA A 138 7.10 11.35 11.49
CA ALA A 138 7.46 11.33 10.08
C ALA A 138 6.23 11.54 9.21
N ALA A 139 5.09 10.98 9.63
CA ALA A 139 3.86 11.09 8.88
C ALA A 139 3.29 12.50 8.80
N SER A 140 3.88 13.44 9.54
CA SER A 140 3.42 14.82 9.53
C SER A 140 4.30 15.69 8.61
N ALA A 141 5.40 15.13 8.11
CA ALA A 141 6.34 15.87 7.28
C ALA A 141 6.32 15.45 5.80
N PRO A 142 6.51 16.41 4.88
CA PRO A 142 6.51 16.10 3.45
C PRO A 142 7.47 15.00 3.02
N ASP A 143 8.61 14.90 3.68
CA ASP A 143 9.61 13.89 3.34
C ASP A 143 9.63 12.74 4.35
N GLY A 144 8.55 12.58 5.09
CA GLY A 144 8.55 11.56 6.12
C GLY A 144 8.32 10.11 5.76
N LEU A 145 7.49 9.87 4.76
CA LEU A 145 7.15 8.50 4.39
C LEU A 145 7.41 8.16 2.94
N ALA A 146 7.60 6.87 2.68
CA ALA A 146 7.79 6.38 1.33
C ALA A 146 6.97 5.09 1.25
N VAL A 147 6.00 5.04 0.35
CA VAL A 147 5.20 3.85 0.21
C VAL A 147 5.43 3.25 -1.17
N VAL A 148 5.77 1.97 -1.20
CA VAL A 148 5.98 1.28 -2.47
C VAL A 148 4.69 0.52 -2.74
N GLY A 149 4.10 0.77 -3.90
CA GLY A 149 2.87 0.12 -4.26
C GLY A 149 3.11 -0.94 -5.31
N VAL A 150 2.47 -2.10 -5.13
CA VAL A 150 2.61 -3.22 -6.05
C VAL A 150 1.22 -3.70 -6.43
N PHE A 151 0.94 -3.76 -7.73
CA PHE A 151 -0.36 -4.23 -8.17
C PHE A 151 -0.41 -5.74 -8.15
N LEU A 152 -1.59 -6.29 -7.86
CA LEU A 152 -1.81 -7.72 -7.85
C LEU A 152 -2.85 -8.05 -8.91
N GLU A 153 -2.58 -9.06 -9.71
CA GLU A 153 -3.54 -9.50 -10.71
C GLU A 153 -3.79 -10.95 -10.39
N THR A 154 -4.88 -11.53 -10.88
CA THR A 154 -5.10 -12.94 -10.59
C THR A 154 -4.61 -13.76 -11.77
N GLY A 155 -4.01 -14.90 -11.44
CA GLY A 155 -3.48 -15.79 -12.45
C GLY A 155 -2.95 -17.02 -11.74
N ASP A 156 -1.66 -17.33 -11.91
CA ASP A 156 -1.09 -18.51 -11.27
C ASP A 156 -0.92 -18.26 -9.77
N GLU A 157 -0.97 -19.35 -9.01
CA GLU A 157 -0.80 -19.30 -7.57
C GLU A 157 0.59 -18.76 -7.23
N HIS A 158 0.65 -17.92 -6.20
CA HIS A 158 1.90 -17.34 -5.74
C HIS A 158 2.33 -18.16 -4.52
N PRO A 159 3.47 -18.88 -4.63
CA PRO A 159 3.96 -19.70 -3.52
C PRO A 159 4.08 -19.01 -2.16
N SER A 160 4.83 -17.91 -2.13
CA SER A 160 5.02 -17.19 -0.88
C SER A 160 3.73 -16.64 -0.30
N MET A 161 2.80 -16.27 -1.18
CA MET A 161 1.52 -15.73 -0.73
C MET A 161 0.74 -16.74 0.13
N ASN A 162 0.96 -18.04 -0.09
CA ASN A 162 0.25 -19.05 0.70
C ASN A 162 0.45 -18.90 2.19
N ARG A 163 1.65 -18.48 2.60
CA ARG A 163 1.91 -18.29 4.03
C ARG A 163 0.96 -17.25 4.57
N LEU A 164 0.77 -16.17 3.81
CA LEU A 164 -0.10 -15.11 4.22
C LEU A 164 -1.58 -15.49 4.15
N THR A 165 -2.02 -16.07 3.04
CA THR A 165 -3.43 -16.43 2.95
C THR A 165 -3.86 -17.53 3.92
N ASP A 166 -2.93 -18.41 4.30
CA ASP A 166 -3.25 -19.47 5.26
C ASP A 166 -3.41 -18.88 6.66
N ALA A 167 -2.85 -17.70 6.88
CA ALA A 167 -2.93 -17.07 8.19
C ALA A 167 -4.14 -16.15 8.35
N LEU A 168 -4.87 -15.91 7.27
CA LEU A 168 -6.02 -15.02 7.32
C LEU A 168 -7.23 -15.51 8.12
N TYR A 169 -7.45 -16.82 8.15
CA TYR A 169 -8.58 -17.34 8.91
C TYR A 169 -8.54 -16.90 10.36
N MET A 170 -7.37 -17.02 10.98
CA MET A 170 -7.22 -16.65 12.39
C MET A 170 -7.35 -15.17 12.68
N VAL A 171 -7.33 -14.33 11.66
CA VAL A 171 -7.49 -12.90 11.88
C VAL A 171 -8.70 -12.38 11.08
N ARG A 172 -9.66 -13.25 10.83
CA ARG A 172 -10.84 -12.85 10.06
C ARG A 172 -11.65 -11.75 10.73
N PHE A 173 -11.69 -11.75 12.06
CA PHE A 173 -12.45 -10.74 12.79
C PHE A 173 -11.65 -9.48 13.11
N LYS A 174 -12.32 -8.34 13.04
CA LYS A 174 -11.67 -7.07 13.35
C LYS A 174 -11.05 -7.07 14.74
N GLY A 175 -9.85 -6.51 14.83
CA GLY A 175 -9.16 -6.42 16.12
C GLY A 175 -8.37 -7.64 16.56
N THR A 176 -8.22 -8.62 15.69
CA THR A 176 -7.48 -9.81 16.05
C THR A 176 -6.10 -9.81 15.40
N LYS A 177 -5.17 -10.51 16.02
CA LYS A 177 -3.82 -10.58 15.49
C LYS A 177 -3.18 -11.93 15.80
N ALA A 178 -2.14 -12.24 15.05
CA ALA A 178 -1.42 -13.49 15.23
C ALA A 178 0.07 -13.26 14.97
N GLN A 179 0.90 -14.10 15.56
CA GLN A 179 2.34 -13.99 15.38
C GLN A 179 2.58 -14.36 13.91
N PHE A 180 3.56 -13.72 13.29
CA PHE A 180 3.87 -13.98 11.88
C PHE A 180 5.37 -13.75 11.69
N SER A 181 6.15 -14.79 11.97
CA SER A 181 7.60 -14.69 11.88
C SER A 181 8.23 -15.17 10.59
N CYS A 182 9.36 -14.57 10.28
CA CYS A 182 10.16 -14.90 9.11
C CYS A 182 9.46 -14.89 7.78
N PHE A 183 8.72 -13.81 7.52
CA PHE A 183 8.09 -13.65 6.23
C PHE A 183 8.92 -12.54 5.59
N ASN A 184 9.55 -12.85 4.46
CA ASN A 184 10.36 -11.86 3.76
C ASN A 184 9.49 -11.14 2.74
N PRO A 185 9.28 -9.84 2.93
CA PRO A 185 8.46 -9.07 1.99
C PRO A 185 9.03 -9.01 0.56
N LYS A 186 10.31 -9.35 0.39
CA LYS A 186 10.91 -9.35 -0.95
C LYS A 186 10.19 -10.40 -1.80
N SER A 187 9.59 -11.39 -1.15
CA SER A 187 8.89 -12.43 -1.88
C SER A 187 7.61 -11.95 -2.57
N LEU A 188 7.15 -10.76 -2.23
CA LEU A 188 5.93 -10.20 -2.84
C LEU A 188 6.27 -9.16 -3.90
N LEU A 189 7.53 -9.14 -4.32
CA LEU A 189 7.97 -8.17 -5.33
C LEU A 189 8.12 -8.78 -6.71
N PRO A 190 7.89 -7.98 -7.76
CA PRO A 190 8.03 -8.46 -9.13
C PRO A 190 9.52 -8.47 -9.48
N ALA A 191 9.88 -9.07 -10.60
CA ALA A 191 11.30 -9.13 -10.99
C ALA A 191 11.85 -7.80 -11.49
N SER A 192 10.96 -6.87 -11.81
CA SER A 192 11.40 -5.56 -12.30
C SER A 192 11.33 -4.51 -11.19
N ARG A 193 12.23 -3.54 -11.26
CA ARG A 193 12.27 -2.45 -10.28
C ARG A 193 11.93 -1.12 -10.94
N HIS A 194 11.29 -1.17 -12.11
CA HIS A 194 10.89 0.05 -12.78
C HIS A 194 9.67 0.59 -12.05
N TYR A 195 9.53 1.91 -12.04
CA TYR A 195 8.44 2.50 -11.28
C TYR A 195 8.05 3.90 -11.72
N TRP A 196 6.95 4.38 -11.15
CA TRP A 196 6.46 5.73 -11.35
C TRP A 196 6.56 6.33 -9.95
N THR A 197 6.81 7.63 -9.86
CA THR A 197 6.89 8.25 -8.55
C THR A 197 6.30 9.66 -8.60
N TYR A 198 5.67 10.04 -7.50
CA TYR A 198 5.07 11.36 -7.37
C TYR A 198 4.84 11.65 -5.90
N PRO A 199 4.75 12.94 -5.53
CA PRO A 199 4.52 13.36 -4.15
C PRO A 199 3.03 13.24 -3.83
N GLY A 200 2.69 12.49 -2.80
CA GLY A 200 1.29 12.31 -2.45
C GLY A 200 0.98 12.26 -0.97
N SER A 201 -0.04 11.49 -0.63
CA SER A 201 -0.53 11.37 0.74
C SER A 201 -0.86 9.96 1.17
N LEU A 202 -1.22 9.84 2.44
CA LEU A 202 -1.70 8.58 2.99
C LEU A 202 -3.06 8.45 2.29
N THR A 203 -3.50 7.22 2.00
CA THR A 203 -4.78 7.07 1.32
C THR A 203 -5.95 6.80 2.26
N THR A 204 -5.71 6.93 3.57
CA THR A 204 -6.75 6.79 4.57
C THR A 204 -6.54 7.94 5.54
N PRO A 205 -7.58 8.32 6.28
CA PRO A 205 -7.42 9.42 7.25
C PRO A 205 -6.20 9.02 8.10
N PRO A 206 -5.42 10.01 8.58
CA PRO A 206 -5.56 11.46 8.40
C PRO A 206 -5.25 12.09 7.05
N LEU A 207 -4.94 11.26 6.05
CA LEU A 207 -4.68 11.73 4.70
C LEU A 207 -3.53 12.74 4.57
N SER A 208 -2.58 12.64 5.49
CA SER A 208 -1.42 13.53 5.53
C SER A 208 -0.61 13.48 4.23
N GLU A 209 -0.19 14.65 3.77
CA GLU A 209 0.58 14.77 2.53
C GLU A 209 2.08 14.67 2.81
N SER A 210 2.46 13.47 3.23
CA SER A 210 3.81 13.17 3.65
C SER A 210 4.42 11.96 2.95
N VAL A 211 3.80 11.50 1.88
CA VAL A 211 4.27 10.31 1.20
C VAL A 211 4.89 10.51 -0.18
N THR A 212 6.05 9.89 -0.37
CA THR A 212 6.68 9.87 -1.68
C THR A 212 6.22 8.51 -2.17
N TRP A 213 5.36 8.50 -3.19
CA TRP A 213 4.85 7.26 -3.74
C TRP A 213 5.77 6.67 -4.79
N ILE A 214 5.94 5.37 -4.71
CA ILE A 214 6.76 4.62 -5.64
C ILE A 214 5.89 3.45 -6.08
N VAL A 215 5.29 3.56 -7.26
CA VAL A 215 4.40 2.53 -7.77
C VAL A 215 5.12 1.69 -8.80
N LEU A 216 5.28 0.40 -8.51
CA LEU A 216 5.98 -0.46 -9.44
C LEU A 216 5.20 -0.70 -10.72
N ARG A 217 5.92 -0.69 -11.84
CA ARG A 217 5.32 -0.89 -13.15
C ARG A 217 4.77 -2.31 -13.35
N GLU A 218 5.48 -3.31 -12.86
CA GLU A 218 5.07 -4.69 -13.05
C GLU A 218 4.26 -5.27 -11.89
N PRO A 219 3.09 -5.86 -12.18
CA PRO A 219 2.28 -6.44 -11.11
C PRO A 219 2.77 -7.86 -10.78
N ILE A 220 2.31 -8.39 -9.65
CA ILE A 220 2.63 -9.76 -9.28
C ILE A 220 1.30 -10.50 -9.43
N SER A 221 1.37 -11.82 -9.52
CA SER A 221 0.15 -12.60 -9.68
C SER A 221 -0.11 -13.55 -8.53
N ILE A 222 -1.38 -13.67 -8.16
CA ILE A 222 -1.79 -14.62 -7.14
C ILE A 222 -3.00 -15.33 -7.72
N SER A 223 -3.36 -16.48 -7.16
CA SER A 223 -4.51 -17.20 -7.69
C SER A 223 -5.83 -16.63 -7.18
N GLU A 224 -6.92 -17.01 -7.84
CA GLU A 224 -8.24 -16.56 -7.44
C GLU A 224 -8.55 -17.10 -6.05
N ARG A 225 -8.07 -18.30 -5.75
CA ARG A 225 -8.28 -18.89 -4.44
C ARG A 225 -7.64 -17.99 -3.38
N GLN A 226 -6.41 -17.57 -3.66
CA GLN A 226 -5.68 -16.71 -2.72
C GLN A 226 -6.37 -15.36 -2.58
N MET A 227 -6.82 -14.80 -3.70
CA MET A 227 -7.50 -13.51 -3.66
C MET A 227 -8.78 -13.65 -2.87
N GLY A 228 -9.44 -14.80 -3.04
CA GLY A 228 -10.68 -15.06 -2.33
C GLY A 228 -10.53 -15.07 -0.81
N LYS A 229 -9.36 -15.49 -0.34
CA LYS A 229 -9.11 -15.54 1.10
C LYS A 229 -9.17 -14.15 1.71
N PHE A 230 -8.73 -13.15 0.95
CA PHE A 230 -8.76 -11.77 1.44
C PHE A 230 -10.21 -11.33 1.59
N ARG A 231 -11.05 -11.74 0.66
CA ARG A 231 -12.46 -11.36 0.71
C ARG A 231 -13.22 -12.06 1.85
N SER A 232 -12.57 -13.02 2.49
N SER A 232 -12.58 -13.02 2.50
CA SER A 232 -13.19 -13.75 3.60
CA SER A 232 -13.21 -13.74 3.60
C SER A 232 -12.97 -13.04 4.93
C SER A 232 -12.99 -13.02 4.93
N LEU A 233 -12.13 -12.01 4.91
CA LEU A 233 -11.86 -11.23 6.12
C LEU A 233 -13.10 -10.40 6.40
N LEU A 234 -13.24 -9.93 7.63
CA LEU A 234 -14.40 -9.15 8.00
C LEU A 234 -14.06 -7.76 8.55
N PHE A 235 -14.94 -6.80 8.28
CA PHE A 235 -14.80 -5.44 8.78
C PHE A 235 -15.27 -5.46 10.23
N THR A 236 -16.11 -6.45 10.53
CA THR A 236 -16.73 -6.59 11.84
C THR A 236 -16.06 -7.47 12.89
N SER A 237 -16.44 -7.26 14.15
CA SER A 237 -15.91 -8.02 15.26
C SER A 237 -16.65 -9.34 15.37
N GLU A 238 -16.14 -10.25 16.20
CA GLU A 238 -16.75 -11.57 16.36
C GLU A 238 -18.23 -11.55 16.77
N ASP A 239 -18.62 -10.60 17.60
CA ASP A 239 -20.00 -10.52 18.06
C ASP A 239 -20.95 -9.85 17.07
N ASP A 240 -20.48 -8.81 16.40
CA ASP A 240 -21.29 -8.08 15.42
C ASP A 240 -21.73 -8.89 14.21
N GLU A 241 -22.74 -8.38 13.52
CA GLU A 241 -23.25 -9.02 12.32
C GLU A 241 -22.12 -8.98 11.29
N ARG A 242 -21.90 -10.09 10.60
CA ARG A 242 -20.82 -10.17 9.63
C ARG A 242 -20.93 -9.31 8.37
N ILE A 243 -19.88 -8.53 8.13
CA ILE A 243 -19.79 -7.68 6.95
C ILE A 243 -18.39 -7.91 6.40
N HIS A 244 -18.31 -8.56 5.25
CA HIS A 244 -17.02 -8.87 4.63
C HIS A 244 -16.20 -7.65 4.24
N MET A 245 -14.90 -7.73 4.51
CA MET A 245 -13.95 -6.68 4.19
C MET A 245 -13.65 -6.71 2.71
N VAL A 246 -14.27 -5.80 1.97
CA VAL A 246 -14.08 -5.68 0.53
C VAL A 246 -14.24 -4.22 0.14
N ASN A 247 -13.69 -3.85 -1.02
CA ASN A 247 -13.75 -2.48 -1.52
C ASN A 247 -13.16 -1.49 -0.52
N ASN A 248 -12.07 -1.89 0.12
CA ASN A 248 -11.41 -1.04 1.10
C ASN A 248 -10.33 -0.22 0.42
N PHE A 249 -10.75 0.56 -0.58
CA PHE A 249 -9.85 1.40 -1.35
C PHE A 249 -10.41 2.79 -1.58
N ARG A 250 -9.52 3.76 -1.74
CA ARG A 250 -9.88 5.13 -2.03
C ARG A 250 -9.68 5.30 -3.53
N PRO A 251 -10.63 5.94 -4.22
CA PRO A 251 -10.54 6.16 -5.66
C PRO A 251 -9.50 7.22 -6.02
N PRO A 252 -9.12 7.31 -7.31
CA PRO A 252 -8.14 8.30 -7.76
C PRO A 252 -8.54 9.73 -7.44
N GLN A 253 -7.55 10.54 -7.07
CA GLN A 253 -7.74 11.94 -6.72
C GLN A 253 -7.13 12.89 -7.75
N PRO A 254 -7.55 14.17 -7.74
CA PRO A 254 -7.02 15.15 -8.71
C PRO A 254 -5.50 15.32 -8.66
N LEU A 255 -4.87 15.33 -9.83
CA LEU A 255 -3.43 15.48 -9.91
C LEU A 255 -2.96 16.88 -9.51
N LYS A 256 -3.78 17.88 -9.80
CA LYS A 256 -3.48 19.27 -9.46
C LYS A 256 -2.09 19.77 -9.84
N GLY A 257 -1.71 19.50 -11.09
CA GLY A 257 -0.43 19.98 -11.58
C GLY A 257 0.81 19.20 -11.19
N ARG A 258 0.65 18.14 -10.41
CA ARG A 258 1.80 17.34 -10.02
C ARG A 258 2.38 16.60 -11.21
N VAL A 259 3.69 16.38 -11.18
CA VAL A 259 4.37 15.68 -12.24
C VAL A 259 4.69 14.27 -11.82
N VAL A 260 4.28 13.30 -12.62
CA VAL A 260 4.57 11.90 -12.34
C VAL A 260 5.84 11.57 -13.11
N LYS A 261 6.84 11.07 -12.41
CA LYS A 261 8.11 10.71 -13.05
C LYS A 261 8.15 9.19 -13.23
N ALA A 262 8.84 8.75 -14.28
CA ALA A 262 8.97 7.33 -14.55
C ALA A 262 10.46 6.99 -14.66
N SER A 263 10.83 5.78 -14.24
CA SER A 263 12.21 5.32 -14.28
C SER A 263 12.48 4.66 -15.63
N PHE A 264 11.46 4.62 -16.46
CA PHE A 264 11.56 3.95 -17.76
C PHE A 264 10.79 4.69 -18.84
N ARG A 265 11.03 4.31 -20.09
N ARG A 265 11.03 4.30 -20.08
CA ARG A 265 10.32 4.90 -21.22
CA ARG A 265 10.32 4.88 -21.22
C ARG A 265 9.21 3.92 -21.63
C ARG A 265 9.21 3.92 -21.62
N ALA A 266 7.97 4.43 -21.69
CA ALA A 266 6.83 3.60 -22.06
C ALA A 266 6.79 3.26 -23.55
#